data_3U18
#
_entry.id   3U18
#
_cell.length_a   67.857
_cell.length_b   67.907
_cell.length_c   86.572
_cell.angle_alpha   90.00
_cell.angle_beta   90.00
_cell.angle_gamma   90.00
#
_symmetry.space_group_name_H-M   'P 21 21 21'
#
loop_
_entity.id
_entity.type
_entity.pdbx_description
1 polymer 'Macrophage migration inhibitory factor'
2 non-polymer "6,6'-[(3,3'-dimethoxybiphenyl-4,4'-diyl)di(E)diazene-2,1-diyl]bis(4-amino-5-hydroxynaphthalene-1,3-disulfonic acid)"
3 non-polymer 'ISOPROPYL ALCOHOL'
4 non-polymer GLYCEROL
5 non-polymer 1,2-ETHANEDIOL
6 non-polymer 'SODIUM ION'
7 non-polymer 'SULFATE ION'
8 water water
#
_entity_poly.entity_id   1
_entity_poly.type   'polypeptide(L)'
_entity_poly.pdbx_seq_one_letter_code
;PMFIVNTNVPRASVPDGFLSELTQQLAQATGKPPQYIAVHVVPDQLMAFGGSSEPCALCSLHSIGKIGGAQNRSYSKLLC
GLLAERLRISPDRVYINYYDMNAANVGWNNSTFA
;
_entity_poly.pdbx_strand_id   A,B,C
#
loop_
_chem_comp.id
_chem_comp.type
_chem_comp.name
_chem_comp.formula
EDO non-polymer 1,2-ETHANEDIOL 'C2 H6 O2'
GOL non-polymer GLYCEROL 'C3 H8 O3'
IPA non-polymer 'ISOPROPYL ALCOHOL' 'C3 H8 O'
NA non-polymer 'SODIUM ION' 'Na 1'
SO4 non-polymer 'SULFATE ION' 'O4 S -2'
Y0X non-polymer '6,6'-[(3,3'-dimethoxybiphenyl-4,4'-diyl)di(E)diazene-2,1-diyl]bis(4-amino-5-hydroxynaphthalene-1,3-disulfonic acid)' 'C34 H28 N6 O16 S4'
#
# COMPACT_ATOMS: atom_id res chain seq x y z
N PRO A 1 13.89 5.63 3.43
CA PRO A 1 12.57 6.16 3.25
C PRO A 1 11.95 5.49 2.00
N MET A 2 10.63 5.39 1.99
CA MET A 2 9.94 4.81 0.85
C MET A 2 8.81 5.81 0.52
N PHE A 3 8.78 6.31 -0.71
CA PHE A 3 7.66 7.19 -1.16
C PHE A 3 6.90 6.52 -2.31
N ILE A 4 5.57 6.39 -2.19
CA ILE A 4 4.79 5.67 -3.20
C ILE A 4 3.71 6.66 -3.67
N VAL A 5 3.55 6.79 -4.98
CA VAL A 5 2.44 7.63 -5.53
CA VAL A 5 2.41 7.59 -5.47
C VAL A 5 1.55 6.78 -6.41
N ASN A 6 0.25 6.72 -6.11
CA ASN A 6 -0.71 6.05 -7.01
C ASN A 6 -1.55 7.18 -7.61
N THR A 7 -1.76 7.14 -8.91
CA THR A 7 -2.48 8.25 -9.59
C THR A 7 -3.24 7.74 -10.78
N ASN A 8 -4.31 8.46 -11.15
CA ASN A 8 -5.03 8.12 -12.35
C ASN A 8 -4.45 8.83 -13.56
N VAL A 9 -3.42 9.64 -13.37
N VAL A 9 -3.44 9.67 -13.39
CA VAL A 9 -2.71 10.28 -14.50
CA VAL A 9 -2.84 10.27 -14.61
C VAL A 9 -2.11 9.15 -15.41
C VAL A 9 -2.22 9.13 -15.42
N PRO A 10 -2.22 9.28 -16.76
CA PRO A 10 -1.66 8.13 -17.55
C PRO A 10 -0.14 8.15 -17.54
N ARG A 11 0.45 6.99 -17.82
CA ARG A 11 1.90 6.81 -17.82
C ARG A 11 2.62 7.82 -18.71
N ALA A 12 2.02 8.11 -19.87
CA ALA A 12 2.68 9.02 -20.83
C ALA A 12 2.81 10.43 -20.27
N SER A 13 2.00 10.77 -19.26
CA SER A 13 2.09 12.09 -18.65
C SER A 13 3.09 12.16 -17.50
N VAL A 14 3.75 11.06 -17.19
CA VAL A 14 4.82 11.07 -16.18
C VAL A 14 6.11 11.45 -16.92
N PRO A 15 6.73 12.56 -16.56
CA PRO A 15 7.85 13.01 -17.39
C PRO A 15 9.08 12.15 -17.13
N ASP A 16 9.92 12.03 -18.13
CA ASP A 16 11.25 11.39 -17.90
C ASP A 16 11.95 12.10 -16.80
N GLY A 17 12.62 11.34 -15.92
CA GLY A 17 13.44 11.91 -14.83
C GLY A 17 12.68 12.01 -13.50
N PHE A 18 11.36 11.71 -13.53
CA PHE A 18 10.48 11.96 -12.36
C PHE A 18 10.92 11.22 -11.10
N LEU A 19 11.27 9.93 -11.27
N LEU A 19 11.26 9.94 -11.22
CA LEU A 19 11.70 9.10 -10.13
CA LEU A 19 11.66 9.22 -10.00
C LEU A 19 13.00 9.67 -9.50
C LEU A 19 13.01 9.74 -9.46
N SER A 20 13.91 10.10 -10.37
CA SER A 20 15.18 10.75 -9.94
CA SER A 20 15.16 10.69 -9.91
C SER A 20 14.89 12.03 -9.21
N GLU A 21 13.97 12.83 -9.77
CA GLU A 21 13.61 14.10 -9.09
C GLU A 21 13.02 13.89 -7.69
N LEU A 22 12.09 12.97 -7.58
CA LEU A 22 11.61 12.62 -6.27
C LEU A 22 12.71 12.13 -5.32
N THR A 23 13.51 11.15 -5.76
CA THR A 23 14.65 10.67 -4.94
C THR A 23 15.50 11.86 -4.39
N GLN A 24 15.92 12.74 -5.30
CA GLN A 24 16.79 13.88 -4.97
C GLN A 24 16.13 14.82 -4.01
N GLN A 25 14.88 15.14 -4.27
CA GLN A 25 14.23 16.15 -3.47
C GLN A 25 13.85 15.62 -2.07
N LEU A 26 13.46 14.34 -2.01
CA LEU A 26 13.20 13.72 -0.73
C LEU A 26 14.48 13.61 0.12
N ALA A 27 15.63 13.40 -0.53
CA ALA A 27 16.93 13.29 0.18
C ALA A 27 17.18 14.63 0.89
N GLN A 28 17.03 15.68 0.11
CA GLN A 28 17.09 16.97 0.71
C GLN A 28 16.10 17.36 1.77
N ALA A 29 14.83 17.11 1.51
CA ALA A 29 13.81 17.51 2.49
C ALA A 29 13.96 16.68 3.75
N THR A 30 14.14 15.36 3.61
CA THR A 30 14.27 14.61 4.82
C THR A 30 15.62 14.68 5.50
N GLY A 31 16.66 15.02 4.75
CA GLY A 31 18.01 14.99 5.26
C GLY A 31 18.63 13.60 5.34
N LYS A 32 18.01 12.61 4.74
CA LYS A 32 18.53 11.23 4.82
C LYS A 32 19.35 10.90 3.61
N PRO A 33 20.21 9.87 3.69
CA PRO A 33 21.09 9.62 2.55
C PRO A 33 20.32 9.07 1.29
N PRO A 34 20.64 9.56 0.08
CA PRO A 34 19.74 9.26 -1.04
C PRO A 34 19.90 7.79 -1.38
N GLN A 35 21.03 7.11 -1.00
CA GLN A 35 21.09 5.66 -1.34
C GLN A 35 19.95 4.82 -0.62
N TYR A 36 19.30 5.35 0.42
CA TYR A 36 18.33 4.63 1.15
C TYR A 36 16.94 5.05 0.71
N ILE A 37 16.84 6.00 -0.22
CA ILE A 37 15.48 6.47 -0.56
C ILE A 37 14.91 5.61 -1.70
N ALA A 38 13.72 5.00 -1.50
CA ALA A 38 13.03 4.27 -2.57
C ALA A 38 11.79 5.05 -3.00
N VAL A 39 11.51 5.03 -4.30
CA VAL A 39 10.34 5.77 -4.86
CA VAL A 39 10.38 5.78 -4.89
C VAL A 39 9.60 4.87 -5.81
N HIS A 40 8.29 5.02 -5.89
CA HIS A 40 7.50 4.08 -6.71
C HIS A 40 6.30 4.85 -7.19
N VAL A 41 6.11 4.88 -8.51
N VAL A 41 6.08 4.94 -8.49
CA VAL A 41 5.04 5.68 -9.14
CA VAL A 41 4.92 5.70 -8.99
C VAL A 41 4.13 4.67 -9.84
C VAL A 41 4.11 4.76 -9.85
N VAL A 42 2.79 4.76 -9.61
CA VAL A 42 1.86 3.80 -10.18
C VAL A 42 0.80 4.64 -10.91
N PRO A 43 0.93 4.82 -12.22
CA PRO A 43 -0.01 5.68 -13.00
C PRO A 43 -1.15 4.85 -13.54
N ASP A 44 -2.06 5.48 -14.31
CA ASP A 44 -3.18 4.77 -14.97
C ASP A 44 -4.11 4.06 -14.01
N GLN A 45 -4.20 4.54 -12.77
CA GLN A 45 -5.03 3.86 -11.79
C GLN A 45 -6.55 4.24 -11.84
N LEU A 46 -7.40 3.33 -11.38
CA LEU A 46 -8.85 3.52 -11.38
C LEU A 46 -9.10 4.10 -9.99
N MET A 47 -9.25 5.43 -9.90
CA MET A 47 -9.43 6.06 -8.56
C MET A 47 -10.33 7.27 -8.63
N ALA A 48 -10.82 7.69 -7.49
CA ALA A 48 -11.69 8.93 -7.42
C ALA A 48 -11.30 9.62 -6.10
N PHE A 49 -11.42 10.95 -6.09
CA PHE A 49 -11.13 11.73 -4.91
C PHE A 49 -12.37 12.65 -4.84
N GLY A 50 -13.10 12.60 -3.71
CA GLY A 50 -14.28 13.42 -3.55
C GLY A 50 -15.35 12.97 -4.58
N GLY A 51 -15.29 11.72 -5.06
CA GLY A 51 -16.24 11.22 -6.02
C GLY A 51 -15.86 11.53 -7.45
N SER A 52 -14.82 12.31 -7.66
CA SER A 52 -14.48 12.79 -9.03
C SER A 52 -13.27 12.03 -9.60
N SER A 53 -13.30 11.67 -10.88
CA SER A 53 -12.20 10.99 -11.54
C SER A 53 -11.22 11.95 -12.19
N GLU A 54 -11.29 13.24 -11.84
CA GLU A 54 -10.28 14.22 -12.28
C GLU A 54 -8.91 13.85 -11.67
N PRO A 55 -7.80 14.33 -12.26
CA PRO A 55 -6.49 13.85 -11.73
C PRO A 55 -6.37 13.97 -10.26
N CYS A 56 -5.83 12.91 -9.64
CA CYS A 56 -5.69 12.94 -8.17
C CYS A 56 -4.53 11.98 -7.85
N ALA A 57 -4.10 11.99 -6.58
CA ALA A 57 -3.05 11.07 -6.19
C ALA A 57 -3.24 10.61 -4.76
N LEU A 58 -2.90 9.33 -4.46
CA LEU A 58 -2.93 8.86 -3.10
C LEU A 58 -1.51 8.32 -2.90
N CYS A 59 -0.87 8.82 -1.87
CA CYS A 59 0.59 8.59 -1.65
C CYS A 59 0.88 8.12 -0.24
N SER A 60 2.13 7.62 -0.04
CA SER A 60 2.59 7.19 1.33
C SER A 60 4.02 7.60 1.41
N LEU A 61 4.45 8.15 2.56
CA LEU A 61 5.90 8.29 2.82
C LEU A 61 6.12 7.52 4.11
N HIS A 62 7.00 6.53 4.08
CA HIS A 62 7.41 5.80 5.29
C HIS A 62 8.85 6.15 5.52
N SER A 63 9.22 6.35 6.79
CA SER A 63 10.68 6.54 7.09
C SER A 63 10.98 6.13 8.50
N ILE A 64 12.22 5.73 8.74
CA ILE A 64 12.71 5.58 10.09
C ILE A 64 13.24 6.95 10.46
N GLY A 65 12.44 7.63 11.23
CA GLY A 65 12.70 9.01 11.77
C GLY A 65 12.33 10.04 10.72
N LYS A 66 12.51 11.32 11.07
CA LYS A 66 12.23 12.50 10.17
C LYS A 66 10.73 12.64 9.87
N ILE A 67 9.91 12.06 10.73
CA ILE A 67 8.43 12.18 10.51
C ILE A 67 7.90 12.97 11.70
N GLY A 68 7.10 13.98 11.46
CA GLY A 68 6.61 14.77 12.66
C GLY A 68 5.74 15.90 12.12
N GLY A 69 5.06 16.64 12.99
CA GLY A 69 4.08 17.68 12.49
C GLY A 69 4.67 18.71 11.52
N ALA A 70 5.79 19.33 11.93
CA ALA A 70 6.42 20.41 11.07
C ALA A 70 7.00 19.78 9.84
N GLN A 71 7.70 18.66 10.05
CA GLN A 71 8.33 18.07 8.89
C GLN A 71 7.31 17.63 7.84
N ASN A 72 6.20 17.02 8.31
CA ASN A 72 5.23 16.51 7.35
C ASN A 72 4.58 17.65 6.53
N ARG A 73 4.43 18.83 7.14
CA ARG A 73 3.92 19.99 6.42
C ARG A 73 4.87 20.33 5.32
N SER A 74 6.16 20.25 5.61
N SER A 74 6.17 20.35 5.66
CA SER A 74 7.17 20.60 4.57
CA SER A 74 7.19 20.68 4.67
C SER A 74 7.23 19.59 3.44
C SER A 74 7.13 19.66 3.52
N TYR A 75 7.06 18.33 3.82
CA TYR A 75 7.02 17.31 2.77
C TYR A 75 5.77 17.52 1.93
N SER A 76 4.66 17.84 2.61
CA SER A 76 3.37 17.95 1.84
C SER A 76 3.51 19.11 0.83
N LYS A 77 4.13 20.20 1.27
CA LYS A 77 4.30 21.34 0.38
C LYS A 77 5.18 20.98 -0.79
N LEU A 78 6.29 20.35 -0.48
CA LEU A 78 7.19 19.89 -1.51
C LEU A 78 6.54 18.92 -2.53
N LEU A 79 5.86 17.91 -2.00
CA LEU A 79 5.41 16.77 -2.83
C LEU A 79 4.16 17.21 -3.60
N CYS A 80 3.25 17.95 -2.94
CA CYS A 80 2.11 18.54 -3.75
C CYS A 80 2.65 19.48 -4.81
N GLY A 81 3.69 20.23 -4.46
CA GLY A 81 4.34 21.09 -5.49
C GLY A 81 4.84 20.29 -6.70
N LEU A 82 5.59 19.21 -6.47
CA LEU A 82 6.03 18.35 -7.60
C LEU A 82 4.90 17.68 -8.34
N LEU A 83 3.87 17.19 -7.63
CA LEU A 83 2.80 16.50 -8.37
C LEU A 83 2.02 17.53 -9.19
N ALA A 84 1.90 18.76 -8.67
CA ALA A 84 1.19 19.82 -9.46
C ALA A 84 2.03 20.15 -10.71
N GLU A 85 3.32 20.40 -10.49
CA GLU A 85 4.15 20.86 -11.61
C GLU A 85 4.40 19.78 -12.63
N ARG A 86 4.66 18.55 -12.19
CA ARG A 86 5.06 17.54 -13.15
C ARG A 86 3.91 16.72 -13.67
N LEU A 87 2.90 16.47 -12.81
CA LEU A 87 1.77 15.61 -13.28
C LEU A 87 0.45 16.38 -13.50
N ARG A 88 0.46 17.67 -13.17
CA ARG A 88 -0.70 18.56 -13.31
C ARG A 88 -1.85 18.08 -12.41
N ILE A 89 -1.50 17.67 -11.19
CA ILE A 89 -2.52 17.27 -10.21
C ILE A 89 -2.68 18.40 -9.20
N SER A 90 -3.94 18.82 -8.97
CA SER A 90 -4.15 19.89 -8.00
C SER A 90 -3.80 19.41 -6.53
N PRO A 91 -3.10 20.21 -5.73
CA PRO A 91 -2.75 19.85 -4.36
C PRO A 91 -3.96 19.43 -3.53
N ASP A 92 -5.16 19.94 -3.82
CA ASP A 92 -6.33 19.59 -2.97
C ASP A 92 -6.96 18.29 -3.46
N ARG A 93 -6.30 17.60 -4.38
CA ARG A 93 -6.74 16.23 -4.80
C ARG A 93 -5.57 15.22 -4.53
N VAL A 94 -4.75 15.51 -3.52
CA VAL A 94 -3.60 14.68 -3.13
C VAL A 94 -3.82 14.36 -1.66
N TYR A 95 -3.77 13.06 -1.29
CA TYR A 95 -3.54 12.66 0.10
C TYR A 95 -2.17 11.96 0.23
N ILE A 96 -1.46 12.28 1.29
CA ILE A 96 -0.18 11.61 1.61
C ILE A 96 -0.26 11.10 3.02
N ASN A 97 -0.19 9.75 3.18
CA ASN A 97 -0.12 9.25 4.56
C ASN A 97 1.39 9.14 4.96
N TYR A 98 1.70 9.61 6.17
CA TYR A 98 3.08 9.58 6.73
C TYR A 98 3.14 8.49 7.78
N TYR A 99 4.21 7.69 7.77
CA TYR A 99 4.40 6.66 8.81
C TYR A 99 5.82 6.78 9.36
N ASP A 100 5.96 6.92 10.68
CA ASP A 100 7.29 6.93 11.32
C ASP A 100 7.48 5.48 11.72
N MET A 101 8.32 4.74 10.99
CA MET A 101 8.54 3.31 11.24
C MET A 101 9.52 3.09 12.37
N ASN A 102 9.21 2.11 13.24
CA ASN A 102 10.25 1.63 14.21
C ASN A 102 11.31 0.88 13.47
N ALA A 103 12.57 1.11 13.78
CA ALA A 103 13.65 0.44 13.06
C ALA A 103 13.51 -1.09 13.13
N ALA A 104 12.94 -1.63 14.21
CA ALA A 104 12.82 -3.10 14.39
C ALA A 104 11.79 -3.63 13.40
N ASN A 105 10.92 -2.73 12.89
CA ASN A 105 9.85 -3.09 11.95
C ASN A 105 10.14 -2.81 10.46
N VAL A 106 11.43 -2.65 10.11
CA VAL A 106 11.82 -2.49 8.68
C VAL A 106 12.92 -3.52 8.40
N GLY A 107 12.61 -4.50 7.55
CA GLY A 107 13.60 -5.45 7.03
C GLY A 107 14.40 -4.84 5.85
N TRP A 108 15.68 -5.21 5.83
CA TRP A 108 16.60 -4.83 4.74
C TRP A 108 17.83 -5.74 4.89
N ASN A 109 18.42 -6.19 3.77
CA ASN A 109 19.76 -6.83 3.84
C ASN A 109 19.70 -8.05 4.75
N ASN A 110 18.65 -8.87 4.61
CA ASN A 110 18.50 -10.11 5.45
C ASN A 110 18.25 -9.93 6.92
N SER A 111 18.07 -8.69 7.40
CA SER A 111 17.81 -8.51 8.81
C SER A 111 16.91 -7.30 8.96
N THR A 112 16.99 -6.57 10.06
CA THR A 112 16.25 -5.34 10.21
C THR A 112 17.22 -4.20 10.56
N PHE A 113 16.70 -3.00 10.69
CA PHE A 113 17.53 -1.87 11.15
C PHE A 113 17.68 -1.79 12.69
N ALA A 114 17.17 -2.78 13.43
CA ALA A 114 17.19 -2.75 14.87
C ALA A 114 18.59 -3.03 15.35
N PRO B 1 -11.15 10.16 4.31
CA PRO B 1 -10.88 8.72 4.41
C PRO B 1 -10.41 8.25 3.06
N MET B 2 -9.67 7.15 3.03
CA MET B 2 -9.11 6.65 1.76
C MET B 2 -9.36 5.15 1.80
N PHE B 3 -9.93 4.58 0.74
CA PHE B 3 -10.22 3.13 0.77
C PHE B 3 -9.52 2.59 -0.48
N ILE B 4 -8.73 1.49 -0.36
CA ILE B 4 -8.04 0.94 -1.53
C ILE B 4 -8.45 -0.57 -1.55
N VAL B 5 -8.80 -1.11 -2.71
CA VAL B 5 -9.06 -2.54 -2.86
CA VAL B 5 -9.06 -2.53 -2.81
C VAL B 5 -8.15 -3.08 -3.91
N ASN B 6 -7.36 -4.09 -3.59
CA ASN B 6 -6.49 -4.80 -4.55
C ASN B 6 -7.18 -6.13 -4.79
N THR B 7 -7.41 -6.48 -6.06
CA THR B 7 -8.10 -7.76 -6.28
C THR B 7 -7.65 -8.41 -7.60
N ASN B 8 -7.74 -9.72 -7.66
CA ASN B 8 -7.44 -10.48 -8.87
C ASN B 8 -8.63 -10.51 -9.82
N VAL B 9 -9.78 -9.94 -9.46
CA VAL B 9 -10.91 -9.95 -10.41
C VAL B 9 -10.49 -9.02 -11.61
N PRO B 10 -10.89 -9.36 -12.84
CA PRO B 10 -10.40 -8.53 -13.98
C PRO B 10 -11.16 -7.21 -14.05
N ARG B 11 -10.53 -6.22 -14.66
CA ARG B 11 -11.12 -4.90 -14.78
C ARG B 11 -12.55 -4.97 -15.38
N ALA B 12 -12.76 -5.82 -16.37
CA ALA B 12 -14.09 -5.85 -17.04
C ALA B 12 -15.18 -6.29 -16.06
N SER B 13 -14.84 -6.94 -14.95
CA SER B 13 -15.80 -7.27 -13.94
C SER B 13 -16.15 -6.20 -12.92
N VAL B 14 -15.48 -5.07 -12.97
CA VAL B 14 -15.79 -3.99 -12.00
C VAL B 14 -16.96 -3.22 -12.66
N PRO B 15 -18.13 -3.22 -12.05
CA PRO B 15 -19.28 -2.59 -12.76
C PRO B 15 -19.18 -1.08 -12.89
N ASP B 16 -19.81 -0.52 -13.94
CA ASP B 16 -19.87 0.97 -14.00
C ASP B 16 -20.49 1.52 -12.73
N GLY B 17 -19.95 2.65 -12.25
CA GLY B 17 -20.54 3.27 -11.07
C GLY B 17 -19.93 2.81 -9.75
N PHE B 18 -19.09 1.79 -9.79
CA PHE B 18 -18.58 1.20 -8.52
C PHE B 18 -17.79 2.22 -7.68
N LEU B 19 -16.88 3.01 -8.27
CA LEU B 19 -16.15 3.98 -7.42
C LEU B 19 -17.10 5.00 -6.76
N SER B 20 -18.16 5.41 -7.48
CA SER B 20 -19.18 6.29 -6.85
CA SER B 20 -19.13 6.30 -6.88
C SER B 20 -19.94 5.61 -5.73
N GLU B 21 -20.31 4.34 -5.90
CA GLU B 21 -20.98 3.60 -4.86
C GLU B 21 -20.10 3.49 -3.60
N LEU B 22 -18.82 3.16 -3.80
CA LEU B 22 -17.92 3.09 -2.64
C LEU B 22 -17.85 4.51 -1.97
N THR B 23 -17.68 5.53 -2.80
CA THR B 23 -17.58 6.93 -2.28
C THR B 23 -18.81 7.27 -1.40
N GLN B 24 -20.01 6.99 -1.96
CA GLN B 24 -21.23 7.34 -1.25
C GLN B 24 -21.34 6.58 0.04
N GLN B 25 -21.18 5.26 -0.06
CA GLN B 25 -21.44 4.44 1.14
C GLN B 25 -20.42 4.65 2.24
N LEU B 26 -19.17 4.91 1.86
CA LEU B 26 -18.15 5.22 2.87
C LEU B 26 -18.38 6.58 3.54
N ALA B 27 -18.87 7.52 2.76
CA ALA B 27 -19.23 8.86 3.31
C ALA B 27 -20.31 8.64 4.38
N GLN B 28 -21.31 7.84 4.04
CA GLN B 28 -22.31 7.50 5.07
C GLN B 28 -21.85 6.72 6.28
N ALA B 29 -21.05 5.68 6.06
CA ALA B 29 -20.57 4.86 7.16
C ALA B 29 -19.65 5.68 8.11
N THR B 30 -18.74 6.46 7.53
CA THR B 30 -17.76 7.21 8.34
C THR B 30 -18.32 8.47 8.91
N GLY B 31 -19.45 8.93 8.36
CA GLY B 31 -19.95 10.26 8.69
C GLY B 31 -19.18 11.46 8.13
N LYS B 32 -18.20 11.26 7.24
CA LYS B 32 -17.39 12.35 6.72
C LYS B 32 -17.98 12.75 5.38
N PRO B 33 -17.81 14.01 4.99
CA PRO B 33 -18.42 14.44 3.69
C PRO B 33 -17.79 13.69 2.48
N PRO B 34 -18.57 13.41 1.45
CA PRO B 34 -18.04 12.61 0.31
C PRO B 34 -16.90 13.36 -0.38
N GLN B 35 -16.88 14.71 -0.30
CA GLN B 35 -15.78 15.49 -0.88
C GLN B 35 -14.40 15.11 -0.35
N TYR B 36 -14.37 14.60 0.86
CA TYR B 36 -13.13 14.16 1.46
C TYR B 36 -12.86 12.65 1.29
N ILE B 37 -13.71 11.91 0.63
CA ILE B 37 -13.47 10.41 0.58
C ILE B 37 -12.71 10.12 -0.72
N ALA B 38 -11.64 9.29 -0.67
CA ALA B 38 -10.91 8.91 -1.88
C ALA B 38 -11.03 7.39 -1.96
N VAL B 39 -11.13 6.84 -3.19
CA VAL B 39 -11.24 5.40 -3.36
CA VAL B 39 -11.30 5.41 -3.41
C VAL B 39 -10.38 4.97 -4.56
N HIS B 40 -9.90 3.75 -4.49
CA HIS B 40 -8.95 3.30 -5.48
C HIS B 40 -9.15 1.80 -5.60
N VAL B 41 -9.40 1.34 -6.84
CA VAL B 41 -9.67 -0.08 -7.12
C VAL B 41 -8.55 -0.56 -8.02
N VAL B 42 -7.90 -1.67 -7.66
CA VAL B 42 -6.77 -2.18 -8.43
C VAL B 42 -7.10 -3.66 -8.90
N PRO B 43 -7.62 -3.84 -10.10
CA PRO B 43 -8.04 -5.19 -10.54
C PRO B 43 -6.86 -5.92 -11.22
N ASP B 44 -7.14 -7.13 -11.71
CA ASP B 44 -6.18 -7.93 -12.47
C ASP B 44 -4.90 -8.24 -11.72
N GLN B 45 -4.92 -8.27 -10.40
CA GLN B 45 -3.72 -8.52 -9.61
C GLN B 45 -3.32 -9.97 -9.51
N LEU B 46 -2.03 -10.23 -9.33
CA LEU B 46 -1.51 -11.60 -9.13
C LEU B 46 -1.52 -11.84 -7.61
N MET B 47 -2.54 -12.57 -7.14
CA MET B 47 -2.70 -12.73 -5.67
C MET B 47 -3.20 -14.11 -5.36
N ALA B 48 -2.97 -14.55 -4.13
CA ALA B 48 -3.56 -15.80 -3.66
C ALA B 48 -4.09 -15.53 -2.26
N PHE B 49 -5.12 -16.25 -1.85
CA PHE B 49 -5.63 -16.11 -0.50
C PHE B 49 -5.75 -17.54 -0.03
N GLY B 50 -5.04 -17.92 1.03
CA GLY B 50 -5.10 -19.31 1.52
C GLY B 50 -4.43 -20.31 0.57
N GLY B 51 -3.57 -19.84 -0.29
CA GLY B 51 -2.85 -20.74 -1.16
C GLY B 51 -3.46 -20.85 -2.58
N SER B 52 -4.57 -20.19 -2.88
CA SER B 52 -5.13 -20.35 -4.17
C SER B 52 -5.72 -19.04 -4.67
N SER B 53 -6.07 -18.99 -5.97
CA SER B 53 -6.38 -17.70 -6.60
C SER B 53 -7.76 -17.51 -7.11
N GLU B 54 -8.74 -18.09 -6.40
CA GLU B 54 -10.13 -17.65 -6.61
C GLU B 54 -10.26 -16.15 -6.24
N PRO B 55 -11.37 -15.52 -6.67
CA PRO B 55 -11.46 -14.06 -6.43
C PRO B 55 -11.19 -13.78 -4.97
N CYS B 56 -10.36 -12.78 -4.72
CA CYS B 56 -10.07 -12.39 -3.31
C CYS B 56 -9.80 -10.84 -3.39
N ALA B 57 -9.69 -10.22 -2.22
CA ALA B 57 -9.37 -8.76 -2.13
C ALA B 57 -8.52 -8.49 -0.89
N LEU B 58 -7.51 -7.63 -1.04
CA LEU B 58 -6.77 -7.14 0.12
C LEU B 58 -6.97 -5.63 0.12
N CYS B 59 -7.53 -5.10 1.22
CA CYS B 59 -8.03 -3.73 1.23
C CYS B 59 -7.44 -2.95 2.40
N SER B 60 -7.54 -1.60 2.33
CA SER B 60 -7.17 -0.81 3.52
C SER B 60 -8.18 0.37 3.62
N LEU B 61 -8.53 0.74 4.82
CA LEU B 61 -9.32 1.97 4.99
C LEU B 61 -8.52 2.81 5.99
N HIS B 62 -8.12 4.04 5.60
CA HIS B 62 -7.40 4.97 6.47
C HIS B 62 -8.37 6.08 6.67
N SER B 63 -8.52 6.53 7.93
CA SER B 63 -9.42 7.64 8.27
C SER B 63 -8.80 8.39 9.47
N ILE B 64 -8.99 9.74 9.52
CA ILE B 64 -8.63 10.41 10.81
C ILE B 64 -9.77 10.26 11.85
N GLY B 65 -9.62 9.32 12.75
CA GLY B 65 -10.68 8.94 13.70
C GLY B 65 -11.77 8.18 12.91
N LYS B 66 -12.86 7.90 13.60
CA LYS B 66 -13.96 7.03 13.14
C LYS B 66 -13.43 5.58 12.87
N ILE B 67 -12.45 5.13 13.64
CA ILE B 67 -11.90 3.76 13.49
C ILE B 67 -11.96 3.17 14.91
N GLY B 68 -12.53 2.01 15.06
CA GLY B 68 -12.57 1.43 16.40
C GLY B 68 -13.30 0.11 16.33
N GLY B 69 -13.39 -0.59 17.47
CA GLY B 69 -13.89 -2.00 17.38
C GLY B 69 -15.28 -2.13 16.75
N ALA B 70 -16.27 -1.43 17.29
CA ALA B 70 -17.66 -1.48 16.70
C ALA B 70 -17.75 -0.90 15.28
N GLN B 71 -17.10 0.21 15.09
CA GLN B 71 -17.23 0.87 13.75
C GLN B 71 -16.61 -0.07 12.68
N ASN B 72 -15.49 -0.70 13.03
CA ASN B 72 -14.75 -1.49 12.04
C ASN B 72 -15.53 -2.75 11.72
N ARG B 73 -16.28 -3.29 12.71
N ARG B 73 -16.25 -3.32 12.69
CA ARG B 73 -17.22 -4.43 12.46
CA ARG B 73 -17.10 -4.48 12.34
C ARG B 73 -18.24 -3.99 11.39
C ARG B 73 -18.25 -4.01 11.38
N SER B 74 -18.79 -2.81 11.59
CA SER B 74 -19.77 -2.31 10.67
C SER B 74 -19.17 -2.03 9.29
N TYR B 75 -17.99 -1.40 9.26
CA TYR B 75 -17.41 -1.17 7.96
C TYR B 75 -17.14 -2.50 7.26
N SER B 76 -16.72 -3.50 8.02
CA SER B 76 -16.38 -4.80 7.35
C SER B 76 -17.63 -5.47 6.77
N LYS B 77 -18.77 -5.36 7.47
CA LYS B 77 -19.98 -5.94 6.91
C LYS B 77 -20.37 -5.14 5.63
N LEU B 78 -20.29 -3.80 5.68
CA LEU B 78 -20.65 -2.97 4.53
C LEU B 78 -19.76 -3.28 3.29
N LEU B 79 -18.45 -3.32 3.48
CA LEU B 79 -17.47 -3.45 2.39
C LEU B 79 -17.40 -4.88 1.87
N CYS B 80 -17.47 -5.87 2.77
CA CYS B 80 -17.60 -7.27 2.26
C CYS B 80 -18.88 -7.47 1.48
N GLY B 81 -19.95 -6.79 1.92
CA GLY B 81 -21.24 -6.88 1.21
C GLY B 81 -21.10 -6.36 -0.23
N LEU B 82 -20.48 -5.17 -0.37
CA LEU B 82 -20.26 -4.54 -1.70
C LEU B 82 -19.35 -5.38 -2.54
N LEU B 83 -18.26 -5.87 -1.95
CA LEU B 83 -17.37 -6.68 -2.78
C LEU B 83 -18.04 -8.00 -3.26
N ALA B 84 -18.87 -8.56 -2.41
CA ALA B 84 -19.59 -9.80 -2.78
C ALA B 84 -20.62 -9.49 -3.86
N GLU B 85 -21.38 -8.42 -3.67
CA GLU B 85 -22.52 -8.15 -4.60
C GLU B 85 -21.99 -7.65 -5.90
N ARG B 86 -20.97 -6.81 -5.85
CA ARG B 86 -20.54 -6.13 -7.06
C ARG B 86 -19.39 -6.80 -7.75
N LEU B 87 -18.47 -7.35 -6.99
CA LEU B 87 -17.34 -8.04 -7.64
C LEU B 87 -17.36 -9.57 -7.55
N ARG B 88 -18.39 -10.11 -6.97
CA ARG B 88 -18.45 -11.57 -6.75
C ARG B 88 -17.28 -12.15 -6.01
N ILE B 89 -16.85 -11.46 -4.97
CA ILE B 89 -15.76 -11.93 -4.11
C ILE B 89 -16.37 -12.44 -2.79
N SER B 90 -16.05 -13.69 -2.41
CA SER B 90 -16.60 -14.26 -1.16
C SER B 90 -16.00 -13.46 0.08
N PRO B 91 -16.85 -13.10 1.07
CA PRO B 91 -16.34 -12.34 2.27
C PRO B 91 -15.19 -13.03 2.97
N ASP B 92 -15.13 -14.35 2.90
CA ASP B 92 -14.04 -15.05 3.58
C ASP B 92 -12.71 -15.00 2.84
N ARG B 93 -12.67 -14.31 1.71
CA ARG B 93 -11.39 -14.15 0.98
C ARG B 93 -11.12 -12.64 0.86
N VAL B 94 -11.61 -11.88 1.85
CA VAL B 94 -11.34 -10.46 1.92
C VAL B 94 -10.60 -10.15 3.22
N TYR B 95 -9.48 -9.39 3.13
CA TYR B 95 -8.98 -8.79 4.36
C TYR B 95 -9.04 -7.25 4.18
N ILE B 96 -9.32 -6.58 5.31
CA ILE B 96 -9.35 -5.10 5.26
C ILE B 96 -8.54 -4.62 6.40
N ASN B 97 -7.42 -3.93 6.13
CA ASN B 97 -6.68 -3.34 7.25
C ASN B 97 -7.20 -1.96 7.53
N TYR B 98 -7.49 -1.65 8.82
CA TYR B 98 -8.06 -0.32 9.20
C TYR B 98 -6.94 0.47 9.86
N TYR B 99 -6.82 1.78 9.54
CA TYR B 99 -5.76 2.57 10.12
C TYR B 99 -6.38 3.92 10.64
N ASP B 100 -6.29 4.18 11.93
CA ASP B 100 -6.75 5.46 12.49
C ASP B 100 -5.54 6.43 12.38
N MET B 101 -5.53 7.32 11.37
CA MET B 101 -4.41 8.19 11.15
C MET B 101 -4.49 9.43 12.10
N ASN B 102 -3.34 9.85 12.59
CA ASN B 102 -3.27 11.14 13.31
C ASN B 102 -3.36 12.25 12.24
N ALA B 103 -4.09 13.36 12.49
CA ALA B 103 -4.20 14.46 11.54
C ALA B 103 -2.82 14.98 11.08
N ALA B 104 -1.84 14.99 12.00
CA ALA B 104 -0.52 15.54 11.67
C ALA B 104 0.21 14.61 10.69
N ASN B 105 -0.23 13.34 10.59
CA ASN B 105 0.36 12.40 9.64
C ASN B 105 -0.40 12.20 8.30
N VAL B 106 -1.30 13.13 7.95
CA VAL B 106 -1.96 13.10 6.65
C VAL B 106 -1.73 14.45 5.94
N GLY B 107 -0.99 14.38 4.84
CA GLY B 107 -0.77 15.54 3.94
C GLY B 107 -1.93 15.72 2.98
N TRP B 108 -2.29 16.99 2.71
CA TRP B 108 -3.32 17.32 1.72
C TRP B 108 -3.07 18.77 1.39
N ASN B 109 -3.23 19.15 0.13
CA ASN B 109 -3.29 20.57 -0.22
C ASN B 109 -2.10 21.38 0.37
N ASN B 110 -0.90 20.84 0.19
CA ASN B 110 0.38 21.54 0.63
C ASN B 110 0.67 21.55 2.10
N SER B 111 -0.22 20.94 2.93
CA SER B 111 0.00 20.99 4.36
C SER B 111 -0.48 19.66 4.94
N THR B 112 -0.79 19.62 6.22
CA THR B 112 -1.38 18.43 6.78
C THR B 112 -2.68 18.84 7.35
N PHE B 113 -3.46 17.86 7.84
CA PHE B 113 -4.73 18.17 8.47
C PHE B 113 -4.55 18.65 9.94
N ALA B 114 -3.33 18.72 10.48
CA ALA B 114 -3.17 19.06 11.92
C ALA B 114 -3.81 20.43 12.21
N PRO C 1 -2.08 -13.64 8.06
CA PRO C 1 -1.03 -12.66 7.69
C PRO C 1 -1.13 -12.27 6.18
N MET C 2 -0.53 -11.15 5.75
CA MET C 2 -0.70 -10.75 4.34
C MET C 2 0.65 -10.25 3.94
N PHE C 3 1.16 -10.70 2.76
CA PHE C 3 2.51 -10.30 2.37
C PHE C 3 2.38 -9.73 0.97
N ILE C 4 2.92 -8.54 0.72
CA ILE C 4 2.77 -7.90 -0.59
C ILE C 4 4.18 -7.57 -1.10
N VAL C 5 4.49 -7.85 -2.37
CA VAL C 5 5.83 -7.47 -2.87
C VAL C 5 5.59 -6.65 -4.12
N ASN C 6 6.09 -5.42 -4.16
CA ASN C 6 6.02 -4.59 -5.36
C ASN C 6 7.44 -4.57 -5.91
N THR C 7 7.58 -4.83 -7.19
CA THR C 7 8.97 -4.93 -7.72
C THR C 7 8.99 -4.43 -9.16
N ASN C 8 10.16 -3.91 -9.59
CA ASN C 8 10.37 -3.60 -11.01
C ASN C 8 10.75 -4.82 -11.92
N VAL C 9 10.98 -5.99 -11.34
CA VAL C 9 11.32 -7.22 -12.13
C VAL C 9 10.10 -7.49 -13.01
N PRO C 10 10.34 -7.85 -14.28
CA PRO C 10 9.17 -8.14 -15.10
C PRO C 10 8.37 -9.37 -14.71
N ARG C 11 7.09 -9.40 -15.08
CA ARG C 11 6.20 -10.54 -14.80
C ARG C 11 6.74 -11.90 -15.26
N ALA C 12 7.31 -11.94 -16.48
CA ALA C 12 7.90 -13.21 -16.97
C ALA C 12 9.04 -13.78 -16.08
N SER C 13 9.75 -12.96 -15.27
CA SER C 13 10.74 -13.43 -14.32
C SER C 13 10.21 -13.97 -13.00
N VAL C 14 8.92 -13.79 -12.75
CA VAL C 14 8.33 -14.37 -11.52
C VAL C 14 7.99 -15.83 -11.86
N PRO C 15 8.62 -16.77 -11.15
CA PRO C 15 8.40 -18.21 -11.49
C PRO C 15 6.99 -18.69 -11.23
N ASP C 16 6.52 -19.61 -12.07
CA ASP C 16 5.28 -20.34 -11.73
C ASP C 16 5.44 -20.95 -10.38
N GLY C 17 4.45 -20.82 -9.52
CA GLY C 17 4.71 -21.42 -8.22
C GLY C 17 5.12 -20.48 -7.11
N PHE C 18 5.44 -19.23 -7.44
CA PHE C 18 6.02 -18.33 -6.45
C PHE C 18 4.97 -17.93 -5.39
N LEU C 19 3.70 -17.67 -5.78
CA LEU C 19 2.69 -17.35 -4.73
C LEU C 19 2.48 -18.51 -3.75
N SER C 20 2.44 -19.71 -4.29
CA SER C 20 2.31 -20.89 -3.44
CA SER C 20 2.33 -20.93 -3.49
C SER C 20 3.51 -21.11 -2.55
N GLU C 21 4.73 -20.92 -3.10
CA GLU C 21 5.91 -21.02 -2.23
C GLU C 21 5.89 -19.96 -1.13
N LEU C 22 5.60 -18.70 -1.48
CA LEU C 22 5.49 -17.70 -0.44
C LEU C 22 4.48 -18.12 0.61
N THR C 23 3.33 -18.63 0.16
CA THR C 23 2.26 -19.00 1.10
C THR C 23 2.75 -20.04 2.09
N GLN C 24 3.31 -21.15 1.56
CA GLN C 24 3.88 -22.18 2.47
C GLN C 24 5.00 -21.68 3.40
N GLN C 25 5.93 -20.87 2.86
CA GLN C 25 7.07 -20.48 3.65
C GLN C 25 6.60 -19.58 4.79
N LEU C 26 5.60 -18.72 4.45
CA LEU C 26 5.03 -17.80 5.43
C LEU C 26 4.22 -18.52 6.50
N ALA C 27 3.43 -19.53 6.08
CA ALA C 27 2.68 -20.35 7.05
C ALA C 27 3.69 -20.96 8.06
N GLN C 28 4.75 -21.59 7.57
CA GLN C 28 5.81 -22.10 8.43
C GLN C 28 6.49 -21.07 9.32
N ALA C 29 6.82 -19.91 8.76
CA ALA C 29 7.55 -18.90 9.56
C ALA C 29 6.69 -18.24 10.63
N THR C 30 5.45 -17.94 10.30
CA THR C 30 4.58 -17.28 11.27
C THR C 30 3.87 -18.26 12.16
N GLY C 31 3.87 -19.54 11.80
CA GLY C 31 3.16 -20.62 12.52
C GLY C 31 1.66 -20.54 12.25
N LYS C 32 1.20 -19.66 11.36
CA LYS C 32 -0.25 -19.61 11.09
C LYS C 32 -0.63 -20.62 9.98
N PRO C 33 -1.91 -21.08 9.95
CA PRO C 33 -2.29 -22.02 8.93
C PRO C 33 -2.30 -21.35 7.55
N PRO C 34 -1.94 -22.09 6.51
CA PRO C 34 -1.81 -21.43 5.21
C PRO C 34 -3.15 -20.84 4.76
N GLN C 35 -4.28 -21.36 5.27
CA GLN C 35 -5.55 -20.82 4.82
C GLN C 35 -5.70 -19.35 5.19
N TYR C 36 -4.95 -18.86 6.20
CA TYR C 36 -5.09 -17.46 6.62
C TYR C 36 -4.00 -16.59 6.00
N ILE C 37 -3.21 -17.14 5.11
CA ILE C 37 -2.10 -16.34 4.50
C ILE C 37 -2.51 -15.83 3.12
N ALA C 38 -2.35 -14.51 2.87
CA ALA C 38 -2.67 -13.92 1.59
C ALA C 38 -1.36 -13.35 1.06
N VAL C 39 -1.14 -13.52 -0.23
N VAL C 39 -1.17 -13.52 -0.23
CA VAL C 39 0.11 -13.04 -0.89
CA VAL C 39 0.03 -13.03 -0.91
C VAL C 39 -0.20 -12.33 -2.22
C VAL C 39 -0.38 -12.16 -2.10
N HIS C 40 0.48 -11.22 -2.44
CA HIS C 40 0.23 -10.35 -3.57
C HIS C 40 1.52 -9.93 -4.13
N VAL C 41 1.71 -10.18 -5.42
CA VAL C 41 3.02 -9.88 -6.10
C VAL C 41 2.69 -8.95 -7.27
N VAL C 42 3.40 -7.81 -7.31
CA VAL C 42 3.15 -6.73 -8.26
C VAL C 42 4.43 -6.48 -9.05
N PRO C 43 4.57 -7.10 -10.23
CA PRO C 43 5.83 -6.91 -11.02
C PRO C 43 5.74 -5.70 -11.95
N ASP C 44 6.78 -5.48 -12.74
CA ASP C 44 6.78 -4.46 -13.81
C ASP C 44 6.55 -3.06 -13.28
N GLN C 45 6.86 -2.81 -11.97
CA GLN C 45 6.64 -1.47 -11.44
C GLN C 45 7.67 -0.41 -11.81
N LEU C 46 7.22 0.84 -11.89
N LEU C 46 7.22 0.84 -11.87
CA LEU C 46 8.12 1.98 -12.07
CA LEU C 46 8.12 1.97 -12.11
C LEU C 46 8.64 2.30 -10.70
C LEU C 46 8.66 2.35 -10.72
N MET C 47 9.88 1.90 -10.38
CA MET C 47 10.38 2.20 -9.06
C MET C 47 11.91 2.33 -9.08
N ALA C 48 12.45 3.02 -8.10
CA ALA C 48 13.92 3.16 -7.95
C ALA C 48 14.26 2.95 -6.49
N PHE C 49 15.53 2.54 -6.24
CA PHE C 49 15.94 2.32 -4.86
C PHE C 49 17.33 2.96 -4.78
N GLY C 50 17.49 3.98 -3.95
CA GLY C 50 18.77 4.75 -3.96
C GLY C 50 18.97 5.43 -5.32
N GLY C 51 17.92 5.70 -6.06
CA GLY C 51 18.12 6.42 -7.36
C GLY C 51 18.25 5.42 -8.48
N SER C 52 18.47 4.15 -8.15
CA SER C 52 18.84 3.18 -9.20
C SER C 52 17.57 2.36 -9.58
N SER C 53 17.47 2.03 -10.88
CA SER C 53 16.45 1.13 -11.37
C SER C 53 16.86 -0.36 -11.53
N GLU C 54 17.94 -0.77 -10.87
CA GLU C 54 18.33 -2.14 -10.88
C GLU C 54 17.20 -2.86 -10.10
N PRO C 55 17.11 -4.17 -10.26
CA PRO C 55 16.04 -4.89 -9.55
C PRO C 55 15.95 -4.52 -8.09
N CYS C 56 14.74 -4.21 -7.61
CA CYS C 56 14.53 -3.90 -6.20
C CYS C 56 13.12 -4.41 -5.83
N ALA C 57 12.80 -4.34 -4.54
CA ALA C 57 11.46 -4.65 -4.07
C ALA C 57 11.08 -3.85 -2.84
N LEU C 58 9.82 -3.41 -2.75
CA LEU C 58 9.28 -2.74 -1.54
C LEU C 58 8.15 -3.68 -1.12
N CYS C 59 8.19 -4.12 0.12
CA CYS C 59 7.26 -5.20 0.56
C CYS C 59 6.62 -4.81 1.91
N SER C 60 5.55 -5.52 2.26
N SER C 60 5.50 -5.47 2.25
CA SER C 60 5.04 -5.39 3.58
CA SER C 60 4.88 -5.29 3.55
C SER C 60 4.60 -6.76 4.03
C SER C 60 4.40 -6.65 4.05
N LEU C 61 4.61 -6.90 5.36
CA LEU C 61 4.04 -8.08 6.02
C LEU C 61 3.19 -7.60 7.18
N HIS C 62 1.88 -7.90 7.13
CA HIS C 62 0.94 -7.50 8.16
C HIS C 62 0.56 -8.80 8.83
N SER C 63 0.54 -8.81 10.15
CA SER C 63 0.03 -9.99 10.83
C SER C 63 -0.60 -9.53 12.16
N ILE C 64 -1.62 -10.24 12.62
CA ILE C 64 -2.10 -10.02 13.99
C ILE C 64 -1.19 -10.77 14.96
N GLY C 65 -0.28 -10.04 15.60
CA GLY C 65 0.78 -10.70 16.38
C GLY C 65 1.81 -11.45 15.53
N LYS C 66 2.75 -12.16 16.20
CA LYS C 66 3.87 -12.87 15.49
C LYS C 66 4.81 -11.83 14.81
N ILE C 67 4.79 -10.58 15.30
CA ILE C 67 5.69 -9.50 14.80
C ILE C 67 6.50 -9.03 15.99
N GLY C 68 7.80 -8.83 15.83
CA GLY C 68 8.61 -8.39 16.96
C GLY C 68 10.06 -8.37 16.50
N GLY C 69 10.96 -7.88 17.34
CA GLY C 69 12.34 -7.65 16.87
C GLY C 69 13.00 -8.92 16.33
N ALA C 70 12.97 -10.02 17.10
CA ALA C 70 13.65 -11.22 16.61
C ALA C 70 12.88 -11.89 15.49
N GLN C 71 11.54 -11.89 15.60
CA GLN C 71 10.80 -12.60 14.53
C GLN C 71 11.05 -11.86 13.19
N ASN C 72 11.09 -10.53 13.31
CA ASN C 72 11.20 -9.75 12.04
C ASN C 72 12.56 -9.96 11.41
N ARG C 73 13.64 -10.08 12.23
CA ARG C 73 14.95 -10.44 11.64
C ARG C 73 14.86 -11.78 10.89
N SER C 74 14.18 -12.76 11.49
CA SER C 74 14.04 -14.08 10.88
CA SER C 74 14.03 -14.09 10.87
C SER C 74 13.18 -14.02 9.59
N TYR C 75 12.07 -13.29 9.61
CA TYR C 75 11.27 -13.09 8.37
C TYR C 75 12.14 -12.45 7.27
N SER C 76 12.94 -11.45 7.65
CA SER C 76 13.71 -10.75 6.61
C SER C 76 14.72 -11.68 5.96
N LYS C 77 15.31 -12.55 6.79
CA LYS C 77 16.33 -13.47 6.22
C LYS C 77 15.64 -14.38 5.23
N LEU C 78 14.46 -14.86 5.61
CA LEU C 78 13.68 -15.82 4.77
C LEU C 78 13.26 -15.16 3.46
N LEU C 79 12.66 -13.97 3.61
CA LEU C 79 12.03 -13.27 2.48
C LEU C 79 13.07 -12.64 1.58
N CYS C 80 14.11 -12.00 2.11
CA CYS C 80 15.22 -11.62 1.24
C CYS C 80 15.85 -12.82 0.50
N GLY C 81 16.00 -13.91 1.26
CA GLY C 81 16.45 -15.18 0.61
C GLY C 81 15.61 -15.55 -0.59
N LEU C 82 14.29 -15.59 -0.39
CA LEU C 82 13.38 -15.98 -1.50
C LEU C 82 13.41 -14.97 -2.66
N LEU C 83 13.43 -13.67 -2.32
CA LEU C 83 13.46 -12.69 -3.41
C LEU C 83 14.80 -12.79 -4.21
N ALA C 84 15.89 -13.07 -3.52
CA ALA C 84 17.21 -13.21 -4.15
C ALA C 84 17.21 -14.44 -5.04
N GLU C 85 16.82 -15.58 -4.48
CA GLU C 85 16.84 -16.80 -5.25
C GLU C 85 15.81 -16.82 -6.35
N ARG C 86 14.58 -16.34 -6.15
CA ARG C 86 13.56 -16.46 -7.20
C ARG C 86 13.50 -15.30 -8.13
N LEU C 87 13.77 -14.08 -7.62
CA LEU C 87 13.64 -12.91 -8.47
C LEU C 87 14.96 -12.24 -8.76
N ARG C 88 16.04 -12.79 -8.23
CA ARG C 88 17.40 -12.27 -8.44
C ARG C 88 17.48 -10.84 -7.98
N ILE C 89 16.81 -10.54 -6.88
CA ILE C 89 16.93 -9.21 -6.30
C ILE C 89 17.90 -9.26 -5.10
N SER C 90 18.87 -8.32 -5.08
CA SER C 90 19.86 -8.20 -3.99
C SER C 90 19.15 -7.86 -2.68
N PRO C 91 19.58 -8.49 -1.56
CA PRO C 91 18.92 -8.19 -0.28
C PRO C 91 19.05 -6.73 0.14
N ASP C 92 20.15 -6.05 -0.27
CA ASP C 92 20.25 -4.65 0.09
C ASP C 92 19.43 -3.68 -0.83
N ARG C 93 18.62 -4.25 -1.71
CA ARG C 93 17.69 -3.49 -2.50
C ARG C 93 16.23 -3.96 -2.20
N VAL C 94 16.02 -4.45 -1.00
CA VAL C 94 14.69 -4.89 -0.49
C VAL C 94 14.42 -4.13 0.80
N TYR C 95 13.24 -3.48 0.88
CA TYR C 95 12.65 -3.15 2.17
C TYR C 95 11.39 -3.96 2.44
N ILE C 96 11.27 -4.38 3.69
CA ILE C 96 10.02 -5.03 4.14
C ILE C 96 9.49 -4.28 5.34
N ASN C 97 8.33 -3.64 5.21
CA ASN C 97 7.76 -3.02 6.40
C ASN C 97 6.87 -4.04 7.12
N TYR C 98 7.08 -4.19 8.42
CA TYR C 98 6.29 -5.14 9.25
C TYR C 98 5.21 -4.36 10.03
N TYR C 99 3.97 -4.87 10.05
CA TYR C 99 2.88 -4.20 10.81
C TYR C 99 2.26 -5.21 11.76
N ASP C 100 2.32 -4.93 13.07
CA ASP C 100 1.63 -5.83 14.01
C ASP C 100 0.23 -5.24 14.13
N MET C 101 -0.78 -5.87 13.50
CA MET C 101 -2.12 -5.33 13.48
C MET C 101 -2.91 -5.76 14.72
N ASN C 102 -3.68 -4.82 15.25
CA ASN C 102 -4.68 -5.14 16.30
C ASN C 102 -5.80 -5.96 15.67
N ALA C 103 -6.28 -7.01 16.38
CA ALA C 103 -7.29 -7.85 15.78
C ALA C 103 -8.52 -7.04 15.46
N ALA C 104 -8.81 -6.03 16.27
CA ALA C 104 -9.96 -5.14 16.00
C ALA C 104 -9.81 -4.27 14.75
N ASN C 105 -8.60 -4.18 14.24
CA ASN C 105 -8.36 -3.36 13.03
C ASN C 105 -8.11 -4.21 11.82
N VAL C 106 -8.56 -5.49 11.85
CA VAL C 106 -8.47 -6.25 10.62
C VAL C 106 -9.86 -6.79 10.28
N GLY C 107 -10.43 -6.38 9.17
CA GLY C 107 -11.79 -6.87 8.77
C GLY C 107 -11.60 -8.17 7.94
N TRP C 108 -12.53 -9.06 8.09
CA TRP C 108 -12.55 -10.31 7.32
C TRP C 108 -13.94 -10.90 7.41
N ASN C 109 -14.45 -11.45 6.28
CA ASN C 109 -15.72 -12.23 6.38
C ASN C 109 -16.81 -11.48 7.21
N ASN C 110 -17.13 -10.25 6.81
CA ASN C 110 -18.25 -9.46 7.38
C ASN C 110 -18.02 -8.99 8.79
N SER C 111 -16.86 -9.23 9.38
CA SER C 111 -16.62 -8.72 10.76
C SER C 111 -15.13 -8.35 10.90
N THR C 112 -14.58 -8.39 12.10
CA THR C 112 -13.14 -8.21 12.32
C THR C 112 -12.71 -9.42 13.11
N PHE C 113 -11.40 -9.53 13.28
CA PHE C 113 -10.84 -10.66 14.02
C PHE C 113 -10.98 -10.53 15.54
N ALA C 114 -11.45 -9.38 16.06
CA ALA C 114 -11.47 -9.18 17.57
C ALA C 114 -12.34 -10.27 18.19
S Y0X D . 29.22 -8.78 2.26
O1 Y0X D . 29.37 -7.56 1.45
O2 Y0X D . 29.48 -9.97 1.40
O4 Y0X D . 30.08 -8.90 3.45
CAA Y0X D . 20.45 -5.33 8.23
CAB Y0X D . 21.65 2.85 7.32
NAC Y0X D . 23.54 -9.13 3.87
NAD Y0X D . 18.60 7.72 10.78
OAE Y0X D . 25.41 -11.78 0.88
OAF Y0X D . 23.33 -10.63 1.15
OAG Y0X D . 14.07 5.52 15.01
OAH Y0X D . 14.28 7.85 15.49
OAI Y0X D . 15.77 10.68 12.26
OAJ Y0X D . 16.81 9.86 10.27
OAK Y0X D . 23.99 -7.06 5.36
OAL Y0X D . 19.47 5.18 10.91
OAM Y0X D . 24.26 -12.05 3.11
OAN Y0X D . 15.79 6.23 16.49
OAO Y0X D . 18.15 10.64 12.02
CAP Y0X D . 22.06 -2.94 8.82
CAQ Y0X D . 21.48 -0.74 10.91
CAR Y0X D . 22.59 -4.02 8.06
CAS Y0X D . 20.85 0.41 11.42
CAT Y0X D . 27.49 -5.89 5.02
CAU Y0X D . 17.68 3.51 13.74
CAV Y0X D . 26.80 -9.87 2.20
CAW Y0X D . 27.97 -6.86 4.15
CAX Y0X D . 27.64 -8.87 2.71
CAY Y0X D . 16.91 4.59 14.18
CAZ Y0X D . 24.07 -1.61 8.29
CBA Y0X D . 22.10 0.56 8.91
CBB Y0X D . 16.08 8.16 13.49
NBC Y0X D . 25.64 -4.98 6.32
NBD Y0X D . 19.32 2.67 12.25
NBE Y0X D . 24.39 -4.97 6.70
NBF Y0X D . 20.10 2.70 11.11
OBG Y0X D . 21.86 -5.17 7.87
OBH Y0X D . 21.29 2.88 8.71
CBI Y0X D . 24.86 -9.02 3.52
CBJ Y0X D . 17.77 7.44 11.88
CBK Y0X D . 22.84 -1.75 8.94
CBL Y0X D . 22.14 -0.63 9.67
CBM Y0X D . 25.29 -6.97 4.95
CBN Y0X D . 18.62 5.03 11.98
CBO Y0X D . 26.14 -5.97 5.44
CBP Y0X D . 18.54 3.69 12.65
CBQ Y0X D . 23.87 -3.90 7.49
CBR Y0X D . 20.78 1.57 10.68
CBS Y0X D . 24.60 -2.70 7.56
CBT Y0X D . 21.38 1.68 9.44
CBU Y0X D . 25.43 -9.99 2.55
CBV Y0X D . 16.92 8.43 12.36
CBW Y0X D . 16.05 6.89 14.08
CBX Y0X D . 27.12 -7.87 3.67
CBY Y0X D . 16.91 5.87 13.57
CBZ Y0X D . 25.77 -7.93 4.05
CCA Y0X D . 17.77 6.12 12.45
SCB Y0X D . 24.51 -11.17 1.91
SCC Y0X D . 14.98 6.62 15.36
SCD Y0X D . 16.91 9.96 11.69
C1 IPA E . 17.57 3.88 6.07
C2 IPA E . 16.72 3.86 7.34
C3 IPA E . 17.63 3.91 8.60
O2 IPA E . 15.82 4.99 7.36
C1 GOL F . 8.32 8.01 -16.57
O1 GOL F . 8.54 7.36 -17.82
C2 GOL F . 9.34 7.47 -15.60
O2 GOL F . 10.44 7.02 -16.42
C3 GOL F . 9.73 8.62 -14.67
O3 GOL F . 10.99 8.42 -13.97
C1 GOL G . 13.41 3.04 5.65
O1 GOL G . 13.54 4.45 5.88
C2 GOL G . 11.95 3.18 5.23
O2 GOL G . 11.92 2.69 3.89
C3 GOL G . 10.75 2.66 6.03
O3 GOL G . 9.77 1.97 5.07
C1 EDO H . 7.83 18.43 14.50
O1 EDO H . 8.19 17.09 14.78
C2 EDO H . 9.06 18.43 13.71
O2 EDO H . 8.54 17.57 12.66
NA NA I . -13.42 11.18 -17.94
NA NA J . 29.36 -0.21 4.72
C1 GOL K . -17.28 10.60 -11.56
O1 GOL K . -16.06 11.23 -12.04
C2 GOL K . -17.02 9.11 -11.56
O2 GOL K . -16.38 8.82 -12.82
C3 GOL K . -16.02 8.66 -10.49
O3 GOL K . -15.96 7.22 -10.58
NA NA L . -0.86 4.57 2.87
C1 GOL M . -13.48 8.91 16.07
O1 GOL M . -14.16 7.73 16.62
C2 GOL M . -13.78 10.10 16.91
O2 GOL M . -12.58 10.83 16.72
C3 GOL M . -14.90 10.85 16.27
O3 GOL M . -14.13 11.38 15.19
C1 EDO N . -9.20 -14.84 -10.61
O1 EDO N . -9.88 -15.87 -9.87
C2 EDO N . -9.84 -14.76 -12.00
O2 EDO N . -11.14 -14.18 -11.77
S SO4 O . -15.93 1.98 18.58
O1 SO4 O . -15.82 1.79 17.11
O2 SO4 O . -14.70 2.61 19.14
O3 SO4 O . -17.19 2.72 18.88
O4 SO4 O . -16.10 0.67 19.19
NA NA P . -2.81 -2.32 4.31
C1 GOL Q . -6.19 10.04 4.27
O1 GOL Q . -5.69 8.74 4.61
C2 GOL Q . -7.52 10.18 4.94
O2 GOL Q . -7.41 9.63 6.26
C3 GOL Q . -7.88 11.68 5.08
O3 GOL Q . -9.19 11.75 5.59
C1 EDO R . -15.75 -13.05 -11.90
O1 EDO R . -14.33 -12.97 -12.07
C2 EDO R . -16.02 -12.45 -10.53
O2 EDO R . -16.19 -11.02 -10.65
C1 GOL S . -15.54 0.51 -13.61
O1 GOL S . -15.12 0.51 -15.00
C2 GOL S . -15.21 1.81 -12.96
O2 GOL S . -15.43 2.79 -14.00
C3 GOL S . -16.11 1.91 -11.70
O3 GOL S . -16.43 3.21 -11.09
C1 IPA T . -9.91 15.78 11.46
C2 IPA T . -11.03 14.83 10.97
C3 IPA T . -12.35 15.07 11.66
O2 IPA T . -11.26 14.83 9.54
C1 IPA U . -6.29 -13.84 14.19
C2 IPA U . -5.37 -14.67 15.07
C3 IPA U . -4.01 -14.73 14.43
O2 IPA U . -5.26 -14.13 16.38
C1 GOL V . -4.60 -9.37 7.57
O1 GOL V . -3.78 -8.15 7.32
C2 GOL V . -3.80 -10.40 8.38
O2 GOL V . -3.14 -9.65 9.41
C3 GOL V . -4.47 -11.54 9.18
O3 GOL V . -3.34 -12.04 10.00
S SO4 W . 10.36 -11.13 19.29
O1 SO4 W . 9.29 -10.24 19.92
O2 SO4 W . 9.97 -11.22 17.86
O3 SO4 W . 11.65 -10.41 19.64
O4 SO4 W . 10.28 -12.42 19.98
C1 GOL X . 2.36 -19.31 -7.39
O1 GOL X . 1.52 -20.39 -7.24
C2 GOL X . 2.04 -18.80 -8.74
O2 GOL X . 0.62 -18.68 -8.61
C3 GOL X . 2.87 -17.52 -8.85
O3 GOL X . 3.34 -17.32 -10.23
C1 GOL Y . 1.99 -12.83 19.11
O1 GOL Y . 1.05 -13.78 19.53
C2 GOL Y . 3.17 -13.27 19.93
O2 GOL Y . 3.87 -14.26 19.21
C3 GOL Y . 4.11 -12.09 20.12
O3 GOL Y . 4.84 -11.87 18.90
C1 IPA Z . -9.49 -18.37 6.53
C2 IPA Z . -10.50 -19.54 6.38
C3 IPA Z . -11.05 -19.97 7.73
O2 IPA Z . -11.62 -19.13 5.56
#